data_1QDA
# 
_entry.id   1QDA 
# 
_audit_conform.dict_name       mmcif_pdbx.dic 
_audit_conform.dict_version    5.386 
_audit_conform.dict_location   http://mmcif.pdb.org/dictionaries/ascii/mmcif_pdbx.dic 
# 
loop_
_database_2.database_id 
_database_2.database_code 
_database_2.pdbx_database_accession 
_database_2.pdbx_DOI 
PDB   1QDA         pdb_00001qda 10.2210/pdb1qda/pdb 
NDB   DD0022       ?            ?                   
RCSB  RCSB009101   ?            ?                   
WWPDB D_1000009101 ?            ?                   
# 
loop_
_pdbx_audit_revision_history.ordinal 
_pdbx_audit_revision_history.data_content_type 
_pdbx_audit_revision_history.major_revision 
_pdbx_audit_revision_history.minor_revision 
_pdbx_audit_revision_history.revision_date 
1 'Structure model' 1 0 1999-09-15 
2 'Structure model' 1 1 2008-04-27 
3 'Structure model' 1 2 2011-07-13 
4 'Structure model' 1 3 2014-03-12 
5 'Structure model' 1 4 2017-10-04 
6 'Structure model' 1 5 2018-04-04 
7 'Structure model' 1 6 2024-02-14 
# 
_pdbx_audit_revision_details.ordinal             1 
_pdbx_audit_revision_details.revision_ordinal    1 
_pdbx_audit_revision_details.data_content_type   'Structure model' 
_pdbx_audit_revision_details.provider            repository 
_pdbx_audit_revision_details.type                'Initial release' 
_pdbx_audit_revision_details.description         ? 
_pdbx_audit_revision_details.details             ? 
# 
loop_
_pdbx_audit_revision_group.ordinal 
_pdbx_audit_revision_group.revision_ordinal 
_pdbx_audit_revision_group.data_content_type 
_pdbx_audit_revision_group.group 
1 2 'Structure model' 'Version format compliance' 
2 3 'Structure model' 'Version format compliance' 
3 4 'Structure model' 'Database references'       
4 5 'Structure model' 'Refinement description'    
5 6 'Structure model' 'Data collection'           
6 7 'Structure model' 'Data collection'           
7 7 'Structure model' 'Database references'       
8 7 'Structure model' 'Derived calculations'      
# 
loop_
_pdbx_audit_revision_category.ordinal 
_pdbx_audit_revision_category.revision_ordinal 
_pdbx_audit_revision_category.data_content_type 
_pdbx_audit_revision_category.category 
1 5 'Structure model' software       
2 6 'Structure model' diffrn_source  
3 7 'Structure model' chem_comp_atom 
4 7 'Structure model' chem_comp_bond 
5 7 'Structure model' database_2     
6 7 'Structure model' struct_conn    
7 7 'Structure model' struct_site    
# 
loop_
_pdbx_audit_revision_item.ordinal 
_pdbx_audit_revision_item.revision_ordinal 
_pdbx_audit_revision_item.data_content_type 
_pdbx_audit_revision_item.item 
1  6 'Structure model' '_diffrn_source.type'                 
2  7 'Structure model' '_database_2.pdbx_DOI'                
3  7 'Structure model' '_database_2.pdbx_database_accession' 
4  7 'Structure model' '_struct_conn.pdbx_dist_value'        
5  7 'Structure model' '_struct_conn.pdbx_leaving_atom_flag' 
6  7 'Structure model' '_struct_conn.ptnr1_auth_comp_id'     
7  7 'Structure model' '_struct_conn.ptnr1_auth_seq_id'      
8  7 'Structure model' '_struct_conn.ptnr1_label_atom_id'    
9  7 'Structure model' '_struct_conn.ptnr1_label_comp_id'    
10 7 'Structure model' '_struct_conn.ptnr1_label_seq_id'     
11 7 'Structure model' '_struct_conn.ptnr2_auth_comp_id'     
12 7 'Structure model' '_struct_conn.ptnr2_auth_seq_id'      
13 7 'Structure model' '_struct_conn.ptnr2_label_asym_id'    
14 7 'Structure model' '_struct_conn.ptnr2_label_atom_id'    
15 7 'Structure model' '_struct_conn.ptnr2_label_comp_id'    
16 7 'Structure model' '_struct_conn.ptnr2_label_seq_id'     
17 7 'Structure model' '_struct_site.pdbx_auth_asym_id'      
18 7 'Structure model' '_struct_site.pdbx_auth_comp_id'      
19 7 'Structure model' '_struct_site.pdbx_auth_seq_id'       
# 
_pdbx_database_status.status_code                     REL 
_pdbx_database_status.entry_id                        1QDA 
_pdbx_database_status.recvd_initial_deposition_date   1999-05-17 
_pdbx_database_status.deposit_site                    RCSB 
_pdbx_database_status.process_site                    NDB 
_pdbx_database_status.status_code_sf                  REL 
_pdbx_database_status.SG_entry                        . 
_pdbx_database_status.status_code_mr                  ? 
_pdbx_database_status.status_code_cs                  ? 
_pdbx_database_status.methods_development_category    ? 
_pdbx_database_status.pdb_format_compatible           Y 
_pdbx_database_status.status_code_nmr_data            ? 
# 
loop_
_pdbx_database_related.db_name 
_pdbx_database_related.db_id 
_pdbx_database_related.details 
_pdbx_database_related.content_type 
PDB 1D33 '1D33 CONTAINS THE SAME DNA COMPLEXED WITH DAUNOMYCIN' unspecified 
PDB 1D15 '1D15 CONTAINS THE SAME DRUG COMPLEXED WITH D(CGATCG)' unspecified 
PDB 1D54 '1D54 CONTAINS THE SAME DRUG COMPLEXED WITH D(TGTACA)' unspecified 
# 
loop_
_audit_author.name 
_audit_author.pdbx_ordinal 
'Podell, E.R.'     1 
'Harrington, D.J.' 2 
'Taatjes, D.J.'    3 
'Koch, T.H.'       4 
# 
loop_
_citation.id 
_citation.title 
_citation.journal_abbrev 
_citation.journal_volume 
_citation.page_first 
_citation.page_last 
_citation.year 
_citation.journal_id_ASTM 
_citation.country 
_citation.journal_id_ISSN 
_citation.journal_id_CSD 
_citation.book_publisher 
_citation.pdbx_database_id_PubMed 
_citation.pdbx_database_id_DOI 
primary 
;Crystal structure of epidoxorubicin-formaldehyde virtual crosslink of DNA and evidence for its formation in human breast-cancer cells.
;
'Acta Crystallogr.,Sect.D' 55 1516 1523 1999 ABCRE6 DK 0907-4449 0766 ? 10489446 10.1107/S0907444999008161 
1       
;A redox pathway leading to the alkylation of nucleic acids by doxorubicin and related anthracyclines: application to the design of antitumor drugs for resistant cancer.
;
Curr.Pharm.Des.            4  203  218  1998 CPDEFP NE 1381-6128 2127 ? 10197040 ?                         
2       'Epidoxoform: A Hydrolytically More Stable Anthracycline-Formaldehyde Conjugate Toxic to Resistant Tumor Cells' 
J.Med.Chem.                41 2452 2461 1998 JMCMAR US 0022-2623 0151 ? ?        10.1021/jm970739s         
# 
loop_
_citation_author.citation_id 
_citation_author.name 
_citation_author.ordinal 
_citation_author.identifier_ORCID 
primary 'Podell, E.R.'     1  ? 
primary 'Harrington, D.J.' 2  ? 
primary 'Taatjes, D.J.'    3  ? 
primary 'Koch, T.H.'       4  ? 
1       'Taatjes, D.J.'    5  ? 
1       'Fenick, D.J.'     6  ? 
1       'Gaudiano, G.'     7  ? 
1       'Koch, T.H.'       8  ? 
2       'Taatjes, D.J.'    9  ? 
2       'Fenick, D.J.'     10 ? 
2       'Koch, T.H.'       11 ? 
# 
loop_
_entity.id 
_entity.type 
_entity.src_method 
_entity.pdbx_description 
_entity.formula_weight 
_entity.pdbx_number_of_molecules 
_entity.pdbx_ec 
_entity.pdbx_mutation 
_entity.pdbx_fragment 
_entity.details 
1 polymer     syn 
;5' -D(CP*GP*CP*(G49)P*CP*GP)-3'
;
1824.232 1  ? ? ? 'DOXORUBICIN COVALENTLY ATTACHED TO N2(G4) VIA METHYLENE BRIDGE' 
2 non-polymer syn "4'-EPIDOXORUBICIN"               544.527  1  ? ? ? ? 
3 water       nat water                             18.015   30 ? ? ? ? 
# 
_entity_poly.entity_id                      1 
_entity_poly.type                           polydeoxyribonucleotide 
_entity_poly.nstd_linkage                   no 
_entity_poly.nstd_monomer                   yes 
_entity_poly.pdbx_seq_one_letter_code       '(DC)(DG)(DC)(G49)(DC)(DG)' 
_entity_poly.pdbx_seq_one_letter_code_can   CGCGCG 
_entity_poly.pdbx_strand_id                 A 
_entity_poly.pdbx_target_identifier         ? 
# 
loop_
_pdbx_entity_nonpoly.entity_id 
_pdbx_entity_nonpoly.name 
_pdbx_entity_nonpoly.comp_id 
2 "4'-EPIDOXORUBICIN" DM6 
3 water               HOH 
# 
loop_
_entity_poly_seq.entity_id 
_entity_poly_seq.num 
_entity_poly_seq.mon_id 
_entity_poly_seq.hetero 
1 1 DC  n 
1 2 DG  n 
1 3 DC  n 
1 4 G49 n 
1 5 DC  n 
1 6 DG  n 
# 
loop_
_chem_comp.id 
_chem_comp.type 
_chem_comp.mon_nstd_flag 
_chem_comp.name 
_chem_comp.pdbx_synonyms 
_chem_comp.formula 
_chem_comp.formula_weight 
DC  'DNA linking' y "2'-DEOXYCYTIDINE-5'-MONOPHOSPHATE"             ?                  'C9 H14 N3 O7 P'  307.197 
DG  'DNA linking' y "2'-DEOXYGUANOSINE-5'-MONOPHOSPHATE"            ?                  'C10 H14 N5 O7 P' 347.221 
DM6 non-polymer   . "4'-EPIDOXORUBICIN"                             "4'-EPIADRIAMYCIN" 'C27 H30 N O11 1' 544.527 
G49 'DNA linking' n "N2-METHYL-2'-DEOXY-GUANOSINE-5'-MONOPHOSPHATE" ?                  'C11 H16 N5 O7 P' 361.248 
HOH non-polymer   . WATER                                           ?                  'H2 O'            18.015  
# 
loop_
_pdbx_poly_seq_scheme.asym_id 
_pdbx_poly_seq_scheme.entity_id 
_pdbx_poly_seq_scheme.seq_id 
_pdbx_poly_seq_scheme.mon_id 
_pdbx_poly_seq_scheme.ndb_seq_num 
_pdbx_poly_seq_scheme.pdb_seq_num 
_pdbx_poly_seq_scheme.auth_seq_num 
_pdbx_poly_seq_scheme.pdb_mon_id 
_pdbx_poly_seq_scheme.auth_mon_id 
_pdbx_poly_seq_scheme.pdb_strand_id 
_pdbx_poly_seq_scheme.pdb_ins_code 
_pdbx_poly_seq_scheme.hetero 
A 1 1 DC  1 1 1 DC  C  A . n 
A 1 2 DG  2 2 2 DG  G  A . n 
A 1 3 DC  3 3 3 DC  C  A . n 
A 1 4 G49 4 4 4 G49 +G A . n 
A 1 5 DC  5 5 5 DC  C  A . n 
A 1 6 DG  6 6 6 DG  G  A . n 
# 
loop_
_pdbx_nonpoly_scheme.asym_id 
_pdbx_nonpoly_scheme.entity_id 
_pdbx_nonpoly_scheme.mon_id 
_pdbx_nonpoly_scheme.ndb_seq_num 
_pdbx_nonpoly_scheme.pdb_seq_num 
_pdbx_nonpoly_scheme.auth_seq_num 
_pdbx_nonpoly_scheme.pdb_mon_id 
_pdbx_nonpoly_scheme.auth_mon_id 
_pdbx_nonpoly_scheme.pdb_strand_id 
_pdbx_nonpoly_scheme.pdb_ins_code 
B 2 DM6 1  100 100 DM6 DM2 A . 
C 3 HOH 1  101 1   HOH WAT A . 
C 3 HOH 2  102 2   HOH WAT A . 
C 3 HOH 3  103 3   HOH WAT A . 
C 3 HOH 4  104 4   HOH WAT A . 
C 3 HOH 5  105 5   HOH WAT A . 
C 3 HOH 6  106 6   HOH WAT A . 
C 3 HOH 7  107 7   HOH WAT A . 
C 3 HOH 8  108 8   HOH WAT A . 
C 3 HOH 9  109 9   HOH WAT A . 
C 3 HOH 10 110 10  HOH WAT A . 
C 3 HOH 11 111 11  HOH WAT A . 
C 3 HOH 12 112 12  HOH WAT A . 
C 3 HOH 13 113 13  HOH WAT A . 
C 3 HOH 14 114 14  HOH WAT A . 
C 3 HOH 15 115 15  HOH WAT A . 
C 3 HOH 16 116 16  HOH WAT A . 
C 3 HOH 17 117 17  HOH WAT A . 
C 3 HOH 18 118 18  HOH WAT A . 
C 3 HOH 19 119 19  HOH WAT A . 
C 3 HOH 20 120 20  HOH WAT A . 
C 3 HOH 21 121 21  HOH WAT A . 
C 3 HOH 22 122 22  HOH WAT A . 
C 3 HOH 23 123 23  HOH WAT A . 
C 3 HOH 24 124 24  HOH WAT A . 
C 3 HOH 25 125 25  HOH WAT A . 
C 3 HOH 26 126 26  HOH WAT A . 
C 3 HOH 27 127 27  HOH WAT A . 
C 3 HOH 28 128 28  HOH WAT A . 
C 3 HOH 29 129 29  HOH WAT A . 
C 3 HOH 30 130 30  HOH WAT A . 
# 
loop_
_software.name 
_software.classification 
_software.version 
_software.citation_id 
_software.pdbx_ordinal 
CNS       refinement     . ? 1 
SCALEPACK 'data scaling' . ? 2 
CNS       phasing        . ? 3 
# 
_cell.entry_id           1QDA 
_cell.length_a           28.110 
_cell.length_b           28.110 
_cell.length_c           52.540 
_cell.angle_alpha        90.00 
_cell.angle_beta         90.00 
_cell.angle_gamma        90.00 
_cell.Z_PDB              8 
_cell.pdbx_unique_axis   ? 
_cell.length_a_esd       ? 
_cell.length_b_esd       ? 
_cell.length_c_esd       ? 
_cell.angle_alpha_esd    ? 
_cell.angle_beta_esd     ? 
_cell.angle_gamma_esd    ? 
# 
_symmetry.entry_id                         1QDA 
_symmetry.space_group_name_H-M             'P 41 21 2' 
_symmetry.pdbx_full_space_group_name_H-M   ? 
_symmetry.cell_setting                     tetragonal 
_symmetry.Int_Tables_number                92 
_symmetry.space_group_name_Hall            ? 
# 
_exptl.entry_id          1QDA 
_exptl.method            'X-RAY DIFFRACTION' 
_exptl.crystals_number   1 
# 
_exptl_crystal.id                    1 
_exptl_crystal.density_meas          ? 
_exptl_crystal.density_percent_sol   54.82 
_exptl_crystal.density_Matthews      2.72 
_exptl_crystal.description           ? 
_exptl_crystal.F_000                 ? 
_exptl_crystal.preparation           ? 
# 
_exptl_crystal_grow.crystal_id      1 
_exptl_crystal_grow.method          'VAPOR DIFFUSION, HANGING DROP' 
_exptl_crystal_grow.temp            296 
_exptl_crystal_grow.temp_details    ? 
_exptl_crystal_grow.pH              6.0 
_exptl_crystal_grow.pdbx_details    
'MPD, FORMALDEHYDE, CACODYLATE, SPERMINE, BARIUM CHLORIDE, pH 6.0, VAPOR DIFFUSION, HANGING DROP, temperature 296K' 
_exptl_crystal_grow.pdbx_pH_range   ? 
# 
loop_
_exptl_crystal_grow_comp.crystal_id 
_exptl_crystal_grow_comp.id 
_exptl_crystal_grow_comp.sol_id 
_exptl_crystal_grow_comp.name 
_exptl_crystal_grow_comp.volume 
_exptl_crystal_grow_comp.conc 
_exptl_crystal_grow_comp.details 
1 1 1 FORMALDEHYDE        ? ? ? 
1 2 1 'SODIUM CACODYLATE' ? ? ? 
1 3 1 SPERMINE            ? ? ? 
1 4 1 BACL2               ? ? ? 
1 5 1 MPD                 ? ? ? 
1 6 2 MPD                 ? ? ? 
# 
_diffrn.id                     1 
_diffrn.ambient_temp           298.0 
_diffrn.ambient_temp_details   ? 
_diffrn.crystal_id             1 
# 
_diffrn_detector.diffrn_id              1 
_diffrn_detector.detector               'IMAGE PLATE' 
_diffrn_detector.type                   'RIGAKU RAXIS II' 
_diffrn_detector.pdbx_collection_date   1998-01-23 
_diffrn_detector.details                ? 
# 
_diffrn_radiation.diffrn_id                        1 
_diffrn_radiation.wavelength_id                    1 
_diffrn_radiation.pdbx_monochromatic_or_laue_m_l   M 
_diffrn_radiation.monochromator                    ? 
_diffrn_radiation.pdbx_diffrn_protocol             'SINGLE WAVELENGTH' 
_diffrn_radiation.pdbx_scattering_type             x-ray 
# 
_diffrn_radiation_wavelength.id           1 
_diffrn_radiation_wavelength.wavelength   1.5418 
_diffrn_radiation_wavelength.wt           1.0 
# 
_diffrn_source.diffrn_id                   1 
_diffrn_source.source                      'ROTATING ANODE' 
_diffrn_source.type                        'RIGAKU RU200' 
_diffrn_source.pdbx_synchrotron_site       ? 
_diffrn_source.pdbx_synchrotron_beamline   ? 
_diffrn_source.pdbx_wavelength             1.5418 
_diffrn_source.pdbx_wavelength_list        ? 
# 
_reflns.entry_id                     1QDA 
_reflns.observed_criterion_sigma_I   0 
_reflns.observed_criterion_sigma_F   0 
_reflns.d_resolution_low             50.0 
_reflns.d_resolution_high            1.6 
_reflns.number_obs                   3101 
_reflns.number_all                   3101 
_reflns.percent_possible_obs         92.0 
_reflns.pdbx_Rmerge_I_obs            0.099 
_reflns.pdbx_Rsym_value              ? 
_reflns.pdbx_netI_over_sigmaI        6.8 
_reflns.B_iso_Wilson_estimate        17.8 
_reflns.pdbx_redundancy              12.0 
_reflns.R_free_details               ? 
_reflns.pdbx_chi_squared             ? 
_reflns.pdbx_scaling_rejects         ? 
_reflns.pdbx_ordinal                 1 
_reflns.pdbx_diffrn_id               1 
# 
_reflns_shell.d_res_high             1.6 
_reflns_shell.d_res_low              1.66 
_reflns_shell.percent_possible_all   82.7 
_reflns_shell.Rmerge_I_obs           0.309 
_reflns_shell.pdbx_Rsym_value        ? 
_reflns_shell.meanI_over_sigI_obs    ? 
_reflns_shell.pdbx_redundancy        9.5 
_reflns_shell.percent_possible_obs   ? 
_reflns_shell.number_unique_all      ? 
_reflns_shell.number_measured_all    ? 
_reflns_shell.number_measured_obs    ? 
_reflns_shell.number_unique_obs      ? 
_reflns_shell.pdbx_chi_squared       ? 
_reflns_shell.pdbx_ordinal           1 
_reflns_shell.pdbx_diffrn_id         1 
# 
_refine.entry_id                                 1QDA 
_refine.ls_number_reflns_obs                     2612 
_refine.ls_number_reflns_all                     3091 
_refine.pdbx_ls_sigma_I                          2.0 
_refine.pdbx_ls_sigma_F                          2.0 
_refine.pdbx_data_cutoff_high_absF               ? 
_refine.pdbx_data_cutoff_low_absF                ? 
_refine.pdbx_data_cutoff_high_rms_absF           ? 
_refine.ls_d_res_low                             30.0 
_refine.ls_d_res_high                            1.6 
_refine.ls_percent_reflns_obs                    84.5 
_refine.ls_R_factor_obs                          0.2052 
_refine.ls_R_factor_all                          ? 
_refine.ls_R_factor_R_work                       0.2052 
_refine.ls_R_factor_R_free                       0.2678 
_refine.ls_R_factor_R_free_error                 ? 
_refine.ls_R_factor_R_free_error_details         ? 
_refine.ls_percent_reflns_R_free                 17.3 
_refine.ls_number_reflns_R_free                  529 
_refine.ls_number_parameters                     ? 
_refine.ls_number_restraints                     ? 
_refine.occupancy_min                            ? 
_refine.occupancy_max                            ? 
_refine.B_iso_mean                               ? 
_refine.aniso_B[1][1]                            ? 
_refine.aniso_B[2][2]                            ? 
_refine.aniso_B[3][3]                            ? 
_refine.aniso_B[1][2]                            ? 
_refine.aniso_B[1][3]                            ? 
_refine.aniso_B[2][3]                            ? 
_refine.solvent_model_details                    ? 
_refine.solvent_model_param_ksol                 ? 
_refine.solvent_model_param_bsol                 ? 
_refine.pdbx_ls_cross_valid_method               THROUGHOUT 
_refine.details                                  'USED ALL THE REFLECTIONS IN THE FINAL SERIES OF REFINEMENT CYCLES' 
_refine.pdbx_starting_model                      ? 
_refine.pdbx_method_to_determine_struct          ? 
_refine.pdbx_isotropic_thermal_model             ? 
_refine.pdbx_stereochemistry_target_values       'G. PARKINSON, J. VOJTECHOVSKY, L. CLOWNEY, A.T. BRUNGER, H.M. BERMAN' 
_refine.pdbx_stereochem_target_val_spec_case     ? 
_refine.pdbx_R_Free_selection_details            RANDOM 
_refine.pdbx_overall_ESU_R                       ? 
_refine.pdbx_overall_ESU_R_Free                  ? 
_refine.overall_SU_ML                            ? 
_refine.overall_SU_B                             ? 
_refine.ls_redundancy_reflns_obs                 ? 
_refine.correlation_coeff_Fo_to_Fc               ? 
_refine.correlation_coeff_Fo_to_Fc_free          ? 
_refine.overall_SU_R_Cruickshank_DPI             ? 
_refine.overall_SU_R_free                        ? 
_refine.pdbx_refine_id                           'X-RAY DIFFRACTION' 
_refine.pdbx_overall_phase_error                 ? 
_refine.pdbx_solvent_vdw_probe_radii             ? 
_refine.pdbx_solvent_ion_probe_radii             ? 
_refine.pdbx_solvent_shrinkage_radii             ? 
_refine.ls_wR_factor_R_free                      ? 
_refine.ls_wR_factor_R_work                      ? 
_refine.overall_FOM_free_R_set                   ? 
_refine.overall_FOM_work_R_set                   ? 
_refine.pdbx_diffrn_id                           1 
_refine.pdbx_TLS_residual_ADP_flag               ? 
_refine.pdbx_overall_SU_R_free_Cruickshank_DPI   ? 
_refine.pdbx_overall_SU_R_Blow_DPI               ? 
_refine.pdbx_overall_SU_R_free_Blow_DPI          ? 
# 
_refine_hist.pdbx_refine_id                   'X-RAY DIFFRACTION' 
_refine_hist.cycle_id                         LAST 
_refine_hist.pdbx_number_atoms_protein        0 
_refine_hist.pdbx_number_atoms_nucleic_acid   121 
_refine_hist.pdbx_number_atoms_ligand         39 
_refine_hist.number_atoms_solvent             30 
_refine_hist.number_atoms_total               190 
_refine_hist.d_res_high                       1.6 
_refine_hist.d_res_low                        30.0 
# 
loop_
_refine_ls_restr.type 
_refine_ls_restr.dev_ideal 
_refine_ls_restr.dev_ideal_target 
_refine_ls_restr.weight 
_refine_ls_restr.number 
_refine_ls_restr.pdbx_refine_id 
_refine_ls_restr.pdbx_restraint_function 
c_bond_d                0.02 ? ? ? 'X-RAY DIFFRACTION' ? 
c_bond_d_na             ?    ? ? ? 'X-RAY DIFFRACTION' ? 
c_bond_d_prot           ?    ? ? ? 'X-RAY DIFFRACTION' ? 
c_angle_d               ?    ? ? ? 'X-RAY DIFFRACTION' ? 
c_angle_d_na            ?    ? ? ? 'X-RAY DIFFRACTION' ? 
c_angle_d_prot          ?    ? ? ? 'X-RAY DIFFRACTION' ? 
c_angle_deg             2.1  ? ? ? 'X-RAY DIFFRACTION' ? 
c_angle_deg_na          ?    ? ? ? 'X-RAY DIFFRACTION' ? 
c_angle_deg_prot        ?    ? ? ? 'X-RAY DIFFRACTION' ? 
c_dihedral_angle_d      ?    ? ? ? 'X-RAY DIFFRACTION' ? 
c_dihedral_angle_d_na   ?    ? ? ? 'X-RAY DIFFRACTION' ? 
c_dihedral_angle_d_prot ?    ? ? ? 'X-RAY DIFFRACTION' ? 
c_improper_angle_d      ?    ? ? ? 'X-RAY DIFFRACTION' ? 
c_improper_angle_d_na   ?    ? ? ? 'X-RAY DIFFRACTION' ? 
c_improper_angle_d_prot ?    ? ? ? 'X-RAY DIFFRACTION' ? 
c_mcbond_it             ?    ? ? ? 'X-RAY DIFFRACTION' ? 
c_mcangle_it            ?    ? ? ? 'X-RAY DIFFRACTION' ? 
c_scbond_it             ?    ? ? ? 'X-RAY DIFFRACTION' ? 
c_scangle_it            ?    ? ? ? 'X-RAY DIFFRACTION' ? 
# 
_struct.entry_id                  1QDA 
_struct.title                     'Crystal structure of epidoxorubicin-formaldehyde virtual crosslink of DNA' 
_struct.pdbx_model_details        ? 
_struct.pdbx_CASP_flag            ? 
_struct.pdbx_model_type_details   ? 
# 
_struct_keywords.entry_id        1QDA 
_struct_keywords.pdbx_keywords   DNA 
_struct_keywords.text            'DOUBLE HELIX, DRUG-DNA COMPLEX, DNA' 
# 
loop_
_struct_asym.id 
_struct_asym.pdbx_blank_PDB_chainid_flag 
_struct_asym.pdbx_modified 
_struct_asym.entity_id 
_struct_asym.details 
A N N 1 ? 
B N N 2 ? 
C N N 3 ? 
# 
_struct_ref.id                         1 
_struct_ref.entity_id                  1 
_struct_ref.db_name                    PDB 
_struct_ref.db_code                    1QDA 
_struct_ref.pdbx_db_accession          1QDA 
_struct_ref.pdbx_align_begin           ? 
_struct_ref.pdbx_seq_one_letter_code   ? 
_struct_ref.pdbx_db_isoform            ? 
# 
_struct_ref_seq.align_id                      1 
_struct_ref_seq.ref_id                        1 
_struct_ref_seq.pdbx_PDB_id_code              1QDA 
_struct_ref_seq.pdbx_strand_id                A 
_struct_ref_seq.seq_align_beg                 1 
_struct_ref_seq.pdbx_seq_align_beg_ins_code   ? 
_struct_ref_seq.seq_align_end                 6 
_struct_ref_seq.pdbx_seq_align_end_ins_code   ? 
_struct_ref_seq.pdbx_db_accession             1QDA 
_struct_ref_seq.db_align_beg                  1 
_struct_ref_seq.pdbx_db_align_beg_ins_code    ? 
_struct_ref_seq.db_align_end                  6 
_struct_ref_seq.pdbx_db_align_end_ins_code    ? 
_struct_ref_seq.pdbx_auth_seq_align_beg       1 
_struct_ref_seq.pdbx_auth_seq_align_end       6 
# 
_pdbx_struct_assembly.id                   1 
_pdbx_struct_assembly.details              author_defined_assembly 
_pdbx_struct_assembly.method_details       ? 
_pdbx_struct_assembly.oligomeric_details   dimeric 
_pdbx_struct_assembly.oligomeric_count     2 
# 
_pdbx_struct_assembly_gen.assembly_id       1 
_pdbx_struct_assembly_gen.oper_expression   1,2 
_pdbx_struct_assembly_gen.asym_id_list      A,B,C 
# 
loop_
_pdbx_struct_oper_list.id 
_pdbx_struct_oper_list.type 
_pdbx_struct_oper_list.name 
_pdbx_struct_oper_list.symmetry_operation 
_pdbx_struct_oper_list.matrix[1][1] 
_pdbx_struct_oper_list.matrix[1][2] 
_pdbx_struct_oper_list.matrix[1][3] 
_pdbx_struct_oper_list.vector[1] 
_pdbx_struct_oper_list.matrix[2][1] 
_pdbx_struct_oper_list.matrix[2][2] 
_pdbx_struct_oper_list.matrix[2][3] 
_pdbx_struct_oper_list.vector[2] 
_pdbx_struct_oper_list.matrix[3][1] 
_pdbx_struct_oper_list.matrix[3][2] 
_pdbx_struct_oper_list.matrix[3][3] 
_pdbx_struct_oper_list.vector[3] 
1 'identity operation'         1_555 x,y,z            1.0000000000  0.0000000000  0.0000000000  0.0000000000 0.0000000000  1.0000000000  0.0000000000 0.0000000000 0.0000000000  0.0000000000 1.0000000000 0.0000000000  
2 'crystal symmetry operation' 8_665 -y+1,-x+1,-z+1/2 -0.8972498185 -0.0730942852 -0.4354308082 3.2334490143 -0.0730942852 -0.9480022862 0.3097561795 5.3848746146 -0.4354308082 0.3097561795 0.8452521047 -0.1409318920 
# 
_struct_biol.id                    1 
_struct_biol.pdbx_parent_biol_id   ? 
_struct_biol.details               ? 
# 
loop_
_struct_conn.id 
_struct_conn.conn_type_id 
_struct_conn.pdbx_leaving_atom_flag 
_struct_conn.pdbx_PDB_id 
_struct_conn.ptnr1_label_asym_id 
_struct_conn.ptnr1_label_comp_id 
_struct_conn.ptnr1_label_seq_id 
_struct_conn.ptnr1_label_atom_id 
_struct_conn.pdbx_ptnr1_label_alt_id 
_struct_conn.pdbx_ptnr1_PDB_ins_code 
_struct_conn.pdbx_ptnr1_standard_comp_id 
_struct_conn.ptnr1_symmetry 
_struct_conn.ptnr2_label_asym_id 
_struct_conn.ptnr2_label_comp_id 
_struct_conn.ptnr2_label_seq_id 
_struct_conn.ptnr2_label_atom_id 
_struct_conn.pdbx_ptnr2_label_alt_id 
_struct_conn.pdbx_ptnr2_PDB_ins_code 
_struct_conn.ptnr1_auth_asym_id 
_struct_conn.ptnr1_auth_comp_id 
_struct_conn.ptnr1_auth_seq_id 
_struct_conn.ptnr2_auth_asym_id 
_struct_conn.ptnr2_auth_comp_id 
_struct_conn.ptnr2_auth_seq_id 
_struct_conn.ptnr2_symmetry 
_struct_conn.pdbx_ptnr3_label_atom_id 
_struct_conn.pdbx_ptnr3_label_seq_id 
_struct_conn.pdbx_ptnr3_label_comp_id 
_struct_conn.pdbx_ptnr3_label_asym_id 
_struct_conn.pdbx_ptnr3_label_alt_id 
_struct_conn.pdbx_ptnr3_PDB_ins_code 
_struct_conn.details 
_struct_conn.pdbx_dist_value 
_struct_conn.pdbx_value_order 
_struct_conn.pdbx_role 
covale1  covale both ? A DC  3 "O3'" ? ? ? 1_555 A G49 4 P     ? ? A DC  3 A G49 4   1_555 ? ? ? ? ? ? ?            1.575 ? ? 
covale2  covale one  ? A G49 4 "O3'" ? ? ? 1_555 A DC  5 P     ? ? A G49 4 A DC  5   1_555 ? ? ? ? ? ? ?            1.609 ? ? 
covale3  covale none ? A G49 4 CM2   ? ? ? 1_555 B DM6 . "N3'" ? ? A G49 4 A DM6 100 1_555 ? ? ? ? ? ? ?            1.516 ? ? 
hydrog1  hydrog ?    ? A DC  1 N3    ? ? ? 1_555 A DG  6 N1    ? ? A DC  1 A DG  6   8_665 ? ? ? ? ? ? WATSON-CRICK ?     ? ? 
hydrog2  hydrog ?    ? A DC  1 N4    ? ? ? 1_555 A DG  6 O6    ? ? A DC  1 A DG  6   8_665 ? ? ? ? ? ? WATSON-CRICK ?     ? ? 
hydrog3  hydrog ?    ? A DC  1 O2    ? ? ? 1_555 A DG  6 N2    ? ? A DC  1 A DG  6   8_665 ? ? ? ? ? ? WATSON-CRICK ?     ? ? 
hydrog4  hydrog ?    ? A DG  2 N1    ? ? ? 1_555 A DC  5 N3    ? ? A DG  2 A DC  5   8_665 ? ? ? ? ? ? WATSON-CRICK ?     ? ? 
hydrog5  hydrog ?    ? A DG  2 N2    ? ? ? 1_555 A DC  5 O2    ? ? A DG  2 A DC  5   8_665 ? ? ? ? ? ? WATSON-CRICK ?     ? ? 
hydrog6  hydrog ?    ? A DG  2 O6    ? ? ? 1_555 A DC  5 N4    ? ? A DG  2 A DC  5   8_665 ? ? ? ? ? ? WATSON-CRICK ?     ? ? 
hydrog7  hydrog ?    ? A DC  3 N3    ? ? ? 1_555 A G49 4 N1    ? ? A DC  3 A G49 4   8_665 ? ? ? ? ? ? WATSON-CRICK ?     ? ? 
hydrog8  hydrog ?    ? A DC  3 N4    ? ? ? 1_555 A G49 4 O6    ? ? A DC  3 A G49 4   8_665 ? ? ? ? ? ? WATSON-CRICK ?     ? ? 
hydrog9  hydrog ?    ? A DC  3 O2    ? ? ? 1_555 A G49 4 N2    ? ? A DC  3 A G49 4   8_665 ? ? ? ? ? ? WATSON-CRICK ?     ? ? 
hydrog10 hydrog ?    ? A G49 4 N1    ? ? ? 1_555 A DC  3 N3    ? ? A G49 4 A DC  3   8_665 ? ? ? ? ? ? WATSON-CRICK ?     ? ? 
hydrog11 hydrog ?    ? A G49 4 N2    ? ? ? 1_555 A DC  3 O2    ? ? A G49 4 A DC  3   8_665 ? ? ? ? ? ? WATSON-CRICK ?     ? ? 
hydrog12 hydrog ?    ? A G49 4 O6    ? ? ? 1_555 A DC  3 N4    ? ? A G49 4 A DC  3   8_665 ? ? ? ? ? ? WATSON-CRICK ?     ? ? 
hydrog13 hydrog ?    ? A DC  5 N3    ? ? ? 1_555 A DG  2 N1    ? ? A DC  5 A DG  2   8_665 ? ? ? ? ? ? WATSON-CRICK ?     ? ? 
hydrog14 hydrog ?    ? A DC  5 N4    ? ? ? 1_555 A DG  2 O6    ? ? A DC  5 A DG  2   8_665 ? ? ? ? ? ? WATSON-CRICK ?     ? ? 
hydrog15 hydrog ?    ? A DC  5 O2    ? ? ? 1_555 A DG  2 N2    ? ? A DC  5 A DG  2   8_665 ? ? ? ? ? ? WATSON-CRICK ?     ? ? 
hydrog16 hydrog ?    ? A DG  6 N1    ? ? ? 1_555 A DC  1 N3    ? ? A DG  6 A DC  1   8_665 ? ? ? ? ? ? WATSON-CRICK ?     ? ? 
hydrog17 hydrog ?    ? A DG  6 N2    ? ? ? 1_555 A DC  1 O2    ? ? A DG  6 A DC  1   8_665 ? ? ? ? ? ? WATSON-CRICK ?     ? ? 
hydrog18 hydrog ?    ? A DG  6 O6    ? ? ? 1_555 A DC  1 N4    ? ? A DG  6 A DC  1   8_665 ? ? ? ? ? ? WATSON-CRICK ?     ? ? 
# 
loop_
_struct_conn_type.id 
_struct_conn_type.criteria 
_struct_conn_type.reference 
covale ? ? 
hydrog ? ? 
# 
loop_
_struct_site.id 
_struct_site.pdbx_evidence_code 
_struct_site.pdbx_auth_asym_id 
_struct_site.pdbx_auth_comp_id 
_struct_site.pdbx_auth_seq_id 
_struct_site.pdbx_auth_ins_code 
_struct_site.pdbx_num_residues 
_struct_site.details 
AC1 Software A DM6 100 ? 10 'BINDING SITE FOR RESIDUE DM6 A 100' 
1   ?        ? ?   ?   ? ?  ?                                    
# 
loop_
_struct_site_gen.id 
_struct_site_gen.site_id 
_struct_site_gen.pdbx_num_res 
_struct_site_gen.label_comp_id 
_struct_site_gen.label_asym_id 
_struct_site_gen.label_seq_id 
_struct_site_gen.pdbx_auth_ins_code 
_struct_site_gen.auth_comp_id 
_struct_site_gen.auth_asym_id 
_struct_site_gen.auth_seq_id 
_struct_site_gen.label_atom_id 
_struct_site_gen.label_alt_id 
_struct_site_gen.symmetry 
_struct_site_gen.details 
1  AC1 10 DC  A 1 ? DC  A 1   . ? 8_665 ? 
2  AC1 10 DG  A 2 ? DG  A 2   . ? 8_665 ? 
3  AC1 10 DC  A 3 ? DC  A 3   . ? 8_665 ? 
4  AC1 10 G49 A 4 ? G49 A 4   . ? 1_555 ? 
5  AC1 10 DC  A 5 ? DC  A 5   . ? 1_555 ? 
6  AC1 10 DG  A 6 ? DG  A 6   . ? 1_555 ? 
7  AC1 10 HOH C . ? HOH A 101 . ? 1_555 ? 
8  AC1 10 HOH C . ? HOH A 106 . ? 1_555 ? 
9  AC1 10 HOH C . ? HOH A 124 . ? 1_555 ? 
10 AC1 10 HOH C . ? HOH A 125 . ? 1_555 ? 
# 
loop_
_pdbx_validate_close_contact.id 
_pdbx_validate_close_contact.PDB_model_num 
_pdbx_validate_close_contact.auth_atom_id_1 
_pdbx_validate_close_contact.auth_asym_id_1 
_pdbx_validate_close_contact.auth_comp_id_1 
_pdbx_validate_close_contact.auth_seq_id_1 
_pdbx_validate_close_contact.PDB_ins_code_1 
_pdbx_validate_close_contact.label_alt_id_1 
_pdbx_validate_close_contact.auth_atom_id_2 
_pdbx_validate_close_contact.auth_asym_id_2 
_pdbx_validate_close_contact.auth_comp_id_2 
_pdbx_validate_close_contact.auth_seq_id_2 
_pdbx_validate_close_contact.PDB_ins_code_2 
_pdbx_validate_close_contact.label_alt_id_2 
_pdbx_validate_close_contact.dist 
1 1 O   A HOH 105 ? ? O A HOH 121 ? ? 1.97 
2 1 OP1 A DG  6   ? ? O A HOH 123 ? ? 2.08 
# 
loop_
_pdbx_validate_rmsd_bond.id 
_pdbx_validate_rmsd_bond.PDB_model_num 
_pdbx_validate_rmsd_bond.auth_atom_id_1 
_pdbx_validate_rmsd_bond.auth_asym_id_1 
_pdbx_validate_rmsd_bond.auth_comp_id_1 
_pdbx_validate_rmsd_bond.auth_seq_id_1 
_pdbx_validate_rmsd_bond.PDB_ins_code_1 
_pdbx_validate_rmsd_bond.label_alt_id_1 
_pdbx_validate_rmsd_bond.auth_atom_id_2 
_pdbx_validate_rmsd_bond.auth_asym_id_2 
_pdbx_validate_rmsd_bond.auth_comp_id_2 
_pdbx_validate_rmsd_bond.auth_seq_id_2 
_pdbx_validate_rmsd_bond.PDB_ins_code_2 
_pdbx_validate_rmsd_bond.label_alt_id_2 
_pdbx_validate_rmsd_bond.bond_value 
_pdbx_validate_rmsd_bond.bond_target_value 
_pdbx_validate_rmsd_bond.bond_deviation 
_pdbx_validate_rmsd_bond.bond_standard_deviation 
_pdbx_validate_rmsd_bond.linker_flag 
1 1 N1    A DC 5 ? ? C2    A DC 5 ? ? 1.333 1.397 -0.064 0.010 N 
2 1 "O3'" A DG 6 ? ? "C3'" A DG 6 ? ? 1.377 1.419 -0.042 0.006 N 
# 
_pdbx_validate_rmsd_angle.id                         1 
_pdbx_validate_rmsd_angle.PDB_model_num              1 
_pdbx_validate_rmsd_angle.auth_atom_id_1             "O4'" 
_pdbx_validate_rmsd_angle.auth_asym_id_1             A 
_pdbx_validate_rmsd_angle.auth_comp_id_1             DG 
_pdbx_validate_rmsd_angle.auth_seq_id_1              2 
_pdbx_validate_rmsd_angle.PDB_ins_code_1             ? 
_pdbx_validate_rmsd_angle.label_alt_id_1             ? 
_pdbx_validate_rmsd_angle.auth_atom_id_2             "C1'" 
_pdbx_validate_rmsd_angle.auth_asym_id_2             A 
_pdbx_validate_rmsd_angle.auth_comp_id_2             DG 
_pdbx_validate_rmsd_angle.auth_seq_id_2              2 
_pdbx_validate_rmsd_angle.PDB_ins_code_2             ? 
_pdbx_validate_rmsd_angle.label_alt_id_2             ? 
_pdbx_validate_rmsd_angle.auth_atom_id_3             N9 
_pdbx_validate_rmsd_angle.auth_asym_id_3             A 
_pdbx_validate_rmsd_angle.auth_comp_id_3             DG 
_pdbx_validate_rmsd_angle.auth_seq_id_3              2 
_pdbx_validate_rmsd_angle.PDB_ins_code_3             ? 
_pdbx_validate_rmsd_angle.label_alt_id_3             ? 
_pdbx_validate_rmsd_angle.angle_value                110.28 
_pdbx_validate_rmsd_angle.angle_target_value         108.30 
_pdbx_validate_rmsd_angle.angle_deviation            1.98 
_pdbx_validate_rmsd_angle.angle_standard_deviation   0.30 
_pdbx_validate_rmsd_angle.linker_flag                N 
# 
_pdbx_validate_planes.id              1 
_pdbx_validate_planes.PDB_model_num   1 
_pdbx_validate_planes.auth_comp_id    DC 
_pdbx_validate_planes.auth_asym_id    A 
_pdbx_validate_planes.auth_seq_id     5 
_pdbx_validate_planes.PDB_ins_code    ? 
_pdbx_validate_planes.label_alt_id    ? 
_pdbx_validate_planes.rmsd            0.071 
_pdbx_validate_planes.type            'SIDE CHAIN' 
# 
_pdbx_struct_mod_residue.id               1 
_pdbx_struct_mod_residue.label_asym_id    A 
_pdbx_struct_mod_residue.label_comp_id    G49 
_pdbx_struct_mod_residue.label_seq_id     4 
_pdbx_struct_mod_residue.auth_asym_id     A 
_pdbx_struct_mod_residue.auth_comp_id     G49 
_pdbx_struct_mod_residue.auth_seq_id      4 
_pdbx_struct_mod_residue.PDB_ins_code     ? 
_pdbx_struct_mod_residue.parent_comp_id   DG 
_pdbx_struct_mod_residue.details          ? 
# 
_struct_site_keywords.site_id   1 
_struct_site_keywords.text      'INTERCALATION, COVALENT' 
# 
loop_
_chem_comp_atom.comp_id 
_chem_comp_atom.atom_id 
_chem_comp_atom.type_symbol 
_chem_comp_atom.pdbx_aromatic_flag 
_chem_comp_atom.pdbx_stereo_config 
_chem_comp_atom.pdbx_ordinal 
DC  OP3    O N N 1   
DC  P      P N N 2   
DC  OP1    O N N 3   
DC  OP2    O N N 4   
DC  "O5'"  O N N 5   
DC  "C5'"  C N N 6   
DC  "C4'"  C N R 7   
DC  "O4'"  O N N 8   
DC  "C3'"  C N S 9   
DC  "O3'"  O N N 10  
DC  "C2'"  C N N 11  
DC  "C1'"  C N R 12  
DC  N1     N N N 13  
DC  C2     C N N 14  
DC  O2     O N N 15  
DC  N3     N N N 16  
DC  C4     C N N 17  
DC  N4     N N N 18  
DC  C5     C N N 19  
DC  C6     C N N 20  
DC  HOP3   H N N 21  
DC  HOP2   H N N 22  
DC  "H5'"  H N N 23  
DC  "H5''" H N N 24  
DC  "H4'"  H N N 25  
DC  "H3'"  H N N 26  
DC  "HO3'" H N N 27  
DC  "H2'"  H N N 28  
DC  "H2''" H N N 29  
DC  "H1'"  H N N 30  
DC  H41    H N N 31  
DC  H42    H N N 32  
DC  H5     H N N 33  
DC  H6     H N N 34  
DG  OP3    O N N 35  
DG  P      P N N 36  
DG  OP1    O N N 37  
DG  OP2    O N N 38  
DG  "O5'"  O N N 39  
DG  "C5'"  C N N 40  
DG  "C4'"  C N R 41  
DG  "O4'"  O N N 42  
DG  "C3'"  C N S 43  
DG  "O3'"  O N N 44  
DG  "C2'"  C N N 45  
DG  "C1'"  C N R 46  
DG  N9     N Y N 47  
DG  C8     C Y N 48  
DG  N7     N Y N 49  
DG  C5     C Y N 50  
DG  C6     C N N 51  
DG  O6     O N N 52  
DG  N1     N N N 53  
DG  C2     C N N 54  
DG  N2     N N N 55  
DG  N3     N N N 56  
DG  C4     C Y N 57  
DG  HOP3   H N N 58  
DG  HOP2   H N N 59  
DG  "H5'"  H N N 60  
DG  "H5''" H N N 61  
DG  "H4'"  H N N 62  
DG  "H3'"  H N N 63  
DG  "HO3'" H N N 64  
DG  "H2'"  H N N 65  
DG  "H2''" H N N 66  
DG  "H1'"  H N N 67  
DG  H8     H N N 68  
DG  H1     H N N 69  
DG  H21    H N N 70  
DG  H22    H N N 71  
DM6 C1     C Y N 72  
DM6 C2     C Y N 73  
DM6 C3     C Y N 74  
DM6 C4     C Y N 75  
DM6 C5     C N N 76  
DM6 C6     C Y N 77  
DM6 C7     C N S 78  
DM6 C8     C N N 79  
DM6 C9     C N S 80  
DM6 C10    C N N 81  
DM6 C11    C Y N 82  
DM6 C12    C N N 83  
DM6 C13    C N N 84  
DM6 C14    C N N 85  
DM6 C15    C Y N 86  
DM6 C16    C Y N 87  
DM6 C17    C Y N 88  
DM6 C18    C Y N 89  
DM6 C19    C Y N 90  
DM6 C20    C Y N 91  
DM6 C21    C N N 92  
DM6 O4     O N N 93  
DM6 O5     O N N 94  
DM6 O6     O N N 95  
DM6 O7     O N N 96  
DM6 O9     O N N 97  
DM6 O11    O N N 98  
DM6 O12    O N N 99  
DM6 O13    O N N 100 
DM6 O14    O N N 101 
DM6 "C1'"  C N R 102 
DM6 "C2'"  C N N 103 
DM6 "C3'"  C N S 104 
DM6 "C4'"  C N R 105 
DM6 "C5'"  C N S 106 
DM6 "C6'"  C N N 107 
DM6 "O4'"  O N N 108 
DM6 "O5'"  O N N 109 
DM6 "N3'"  N N N 110 
DM6 H1     H N N 111 
DM6 H2     H N N 112 
DM6 H3     H N N 113 
DM6 H7     H N N 114 
DM6 H81    H N N 115 
DM6 H82    H N N 116 
DM6 H101   H N N 117 
DM6 H102   H N N 118 
DM6 H141   H N N 119 
DM6 H142   H N N 120 
DM6 H211   H N N 121 
DM6 H212   H N N 122 
DM6 H213   H N N 123 
DM6 HO6    H N N 124 
DM6 HO9    H N N 125 
DM6 HO11   H N N 126 
DM6 HO14   H N N 127 
DM6 "H1'"  H N N 128 
DM6 "H2'1" H N N 129 
DM6 "H2'2" H N N 130 
DM6 "H3'"  H N N 131 
DM6 "H4'"  H N N 132 
DM6 "H5'"  H N N 133 
DM6 "H6'1" H N N 134 
DM6 "H6'2" H N N 135 
DM6 "H6'3" H N N 136 
DM6 "HO'4" H N N 137 
DM6 "HN'1" H N N 138 
DM6 "HN'2" H N N 139 
DM6 "HN'3" H N N 140 
G49 P      P N N 141 
G49 O1P    O N N 142 
G49 O2P    O N N 143 
G49 O3P    O N N 144 
G49 "O5'"  O N N 145 
G49 "C5'"  C N N 146 
G49 "C4'"  C N R 147 
G49 "O4'"  O N N 148 
G49 "C3'"  C N S 149 
G49 "O3'"  O N N 150 
G49 "C2'"  C N N 151 
G49 "C1'"  C N R 152 
G49 N9     N Y N 153 
G49 C8     C Y N 154 
G49 N7     N Y N 155 
G49 C5     C Y N 156 
G49 C6     C N N 157 
G49 O6     O N N 158 
G49 N1     N N N 159 
G49 C2     C N N 160 
G49 N2     N N N 161 
G49 CM2    C N N 162 
G49 N3     N N N 163 
G49 C4     C Y N 164 
G49 H2P    H N N 165 
G49 H3P    H N N 166 
G49 "H5'1" H N N 167 
G49 "H5'2" H N N 168 
G49 "H4'"  H N N 169 
G49 "H3'"  H N N 170 
G49 HA     H N N 171 
G49 "H2'1" H N N 172 
G49 "H2'2" H N N 173 
G49 "H1'"  H N N 174 
G49 H8     H N N 175 
G49 H1     H N N 176 
G49 H2     H N N 177 
G49 HM21   H N N 178 
G49 HM22   H N N 179 
G49 HM23   H N N 180 
HOH O      O N N 181 
HOH H1     H N N 182 
HOH H2     H N N 183 
# 
loop_
_chem_comp_bond.comp_id 
_chem_comp_bond.atom_id_1 
_chem_comp_bond.atom_id_2 
_chem_comp_bond.value_order 
_chem_comp_bond.pdbx_aromatic_flag 
_chem_comp_bond.pdbx_stereo_config 
_chem_comp_bond.pdbx_ordinal 
DC  OP3   P      sing N N 1   
DC  OP3   HOP3   sing N N 2   
DC  P     OP1    doub N N 3   
DC  P     OP2    sing N N 4   
DC  P     "O5'"  sing N N 5   
DC  OP2   HOP2   sing N N 6   
DC  "O5'" "C5'"  sing N N 7   
DC  "C5'" "C4'"  sing N N 8   
DC  "C5'" "H5'"  sing N N 9   
DC  "C5'" "H5''" sing N N 10  
DC  "C4'" "O4'"  sing N N 11  
DC  "C4'" "C3'"  sing N N 12  
DC  "C4'" "H4'"  sing N N 13  
DC  "O4'" "C1'"  sing N N 14  
DC  "C3'" "O3'"  sing N N 15  
DC  "C3'" "C2'"  sing N N 16  
DC  "C3'" "H3'"  sing N N 17  
DC  "O3'" "HO3'" sing N N 18  
DC  "C2'" "C1'"  sing N N 19  
DC  "C2'" "H2'"  sing N N 20  
DC  "C2'" "H2''" sing N N 21  
DC  "C1'" N1     sing N N 22  
DC  "C1'" "H1'"  sing N N 23  
DC  N1    C2     sing N N 24  
DC  N1    C6     sing N N 25  
DC  C2    O2     doub N N 26  
DC  C2    N3     sing N N 27  
DC  N3    C4     doub N N 28  
DC  C4    N4     sing N N 29  
DC  C4    C5     sing N N 30  
DC  N4    H41    sing N N 31  
DC  N4    H42    sing N N 32  
DC  C5    C6     doub N N 33  
DC  C5    H5     sing N N 34  
DC  C6    H6     sing N N 35  
DG  OP3   P      sing N N 36  
DG  OP3   HOP3   sing N N 37  
DG  P     OP1    doub N N 38  
DG  P     OP2    sing N N 39  
DG  P     "O5'"  sing N N 40  
DG  OP2   HOP2   sing N N 41  
DG  "O5'" "C5'"  sing N N 42  
DG  "C5'" "C4'"  sing N N 43  
DG  "C5'" "H5'"  sing N N 44  
DG  "C5'" "H5''" sing N N 45  
DG  "C4'" "O4'"  sing N N 46  
DG  "C4'" "C3'"  sing N N 47  
DG  "C4'" "H4'"  sing N N 48  
DG  "O4'" "C1'"  sing N N 49  
DG  "C3'" "O3'"  sing N N 50  
DG  "C3'" "C2'"  sing N N 51  
DG  "C3'" "H3'"  sing N N 52  
DG  "O3'" "HO3'" sing N N 53  
DG  "C2'" "C1'"  sing N N 54  
DG  "C2'" "H2'"  sing N N 55  
DG  "C2'" "H2''" sing N N 56  
DG  "C1'" N9     sing N N 57  
DG  "C1'" "H1'"  sing N N 58  
DG  N9    C8     sing Y N 59  
DG  N9    C4     sing Y N 60  
DG  C8    N7     doub Y N 61  
DG  C8    H8     sing N N 62  
DG  N7    C5     sing Y N 63  
DG  C5    C6     sing N N 64  
DG  C5    C4     doub Y N 65  
DG  C6    O6     doub N N 66  
DG  C6    N1     sing N N 67  
DG  N1    C2     sing N N 68  
DG  N1    H1     sing N N 69  
DG  C2    N2     sing N N 70  
DG  C2    N3     doub N N 71  
DG  N2    H21    sing N N 72  
DG  N2    H22    sing N N 73  
DG  N3    C4     sing N N 74  
DM6 C1    C2     doub Y N 75  
DM6 C1    C15    sing Y N 76  
DM6 C1    H1     sing N N 77  
DM6 C2    C3     sing Y N 78  
DM6 C2    H2     sing N N 79  
DM6 C3    C4     doub Y N 80  
DM6 C3    H3     sing N N 81  
DM6 C4    C16    sing Y N 82  
DM6 C4    O4     sing N N 83  
DM6 C5    C16    sing N N 84  
DM6 C5    C17    sing N N 85  
DM6 C5    O5     doub N N 86  
DM6 C6    C17    doub Y N 87  
DM6 C6    C20    sing Y N 88  
DM6 C6    O6     sing N N 89  
DM6 C7    C8     sing N N 90  
DM6 C7    C20    sing N N 91  
DM6 C7    O7     sing N N 92  
DM6 C7    H7     sing N N 93  
DM6 C8    C9     sing N N 94  
DM6 C8    H81    sing N N 95  
DM6 C8    H82    sing N N 96  
DM6 C9    C10    sing N N 97  
DM6 C9    C13    sing N N 98  
DM6 C9    O9     sing N N 99  
DM6 C10   C19    sing N N 100 
DM6 C10   H101   sing N N 101 
DM6 C10   H102   sing N N 102 
DM6 C11   C18    doub Y N 103 
DM6 C11   C19    sing Y N 104 
DM6 C11   O11    sing N N 105 
DM6 C12   C15    sing N N 106 
DM6 C12   C18    sing N N 107 
DM6 C12   O12    doub N N 108 
DM6 C13   C14    sing N N 109 
DM6 C13   O13    doub N N 110 
DM6 C14   O14    sing N N 111 
DM6 C14   H141   sing N N 112 
DM6 C14   H142   sing N N 113 
DM6 C15   C16    doub Y N 114 
DM6 C17   C18    sing Y N 115 
DM6 C19   C20    doub Y N 116 
DM6 C21   O4     sing N N 117 
DM6 C21   H211   sing N N 118 
DM6 C21   H212   sing N N 119 
DM6 C21   H213   sing N N 120 
DM6 O6    HO6    sing N N 121 
DM6 O7    "C1'"  sing N N 122 
DM6 O9    HO9    sing N N 123 
DM6 O11   HO11   sing N N 124 
DM6 O14   HO14   sing N N 125 
DM6 "C1'" "C2'"  sing N N 126 
DM6 "C1'" "O5'"  sing N N 127 
DM6 "C1'" "H1'"  sing N N 128 
DM6 "C2'" "C3'"  sing N N 129 
DM6 "C2'" "H2'1" sing N N 130 
DM6 "C2'" "H2'2" sing N N 131 
DM6 "C3'" "C4'"  sing N N 132 
DM6 "C3'" "N3'"  sing N N 133 
DM6 "C3'" "H3'"  sing N N 134 
DM6 "C4'" "C5'"  sing N N 135 
DM6 "C4'" "O4'"  sing N N 136 
DM6 "C4'" "H4'"  sing N N 137 
DM6 "C5'" "C6'"  sing N N 138 
DM6 "C5'" "O5'"  sing N N 139 
DM6 "C5'" "H5'"  sing N N 140 
DM6 "C6'" "H6'1" sing N N 141 
DM6 "C6'" "H6'2" sing N N 142 
DM6 "C6'" "H6'3" sing N N 143 
DM6 "O4'" "HO'4" sing N N 144 
DM6 "N3'" "HN'1" sing N N 145 
DM6 "N3'" "HN'2" sing N N 146 
DM6 "N3'" "HN'3" sing N N 147 
G49 P     O1P    doub N N 148 
G49 P     O2P    sing N N 149 
G49 P     O3P    sing N N 150 
G49 P     "O5'"  sing N N 151 
G49 O2P   H2P    sing N N 152 
G49 O3P   H3P    sing N N 153 
G49 "O5'" "C5'"  sing N N 154 
G49 "C5'" "C4'"  sing N N 155 
G49 "C5'" "H5'1" sing N N 156 
G49 "C5'" "H5'2" sing N N 157 
G49 "C4'" "O4'"  sing N N 158 
G49 "C4'" "C3'"  sing N N 159 
G49 "C4'" "H4'"  sing N N 160 
G49 "O4'" "C1'"  sing N N 161 
G49 "C3'" "O3'"  sing N N 162 
G49 "C3'" "C2'"  sing N N 163 
G49 "C3'" "H3'"  sing N N 164 
G49 "O3'" HA     sing N N 165 
G49 "C2'" "C1'"  sing N N 166 
G49 "C2'" "H2'1" sing N N 167 
G49 "C2'" "H2'2" sing N N 168 
G49 "C1'" N9     sing N N 169 
G49 "C1'" "H1'"  sing N N 170 
G49 N9    C8     sing Y N 171 
G49 N9    C4     sing Y N 172 
G49 C8    N7     doub Y N 173 
G49 C8    H8     sing N N 174 
G49 N7    C5     sing Y N 175 
G49 C5    C6     sing N N 176 
G49 C5    C4     doub Y N 177 
G49 C6    O6     doub N N 178 
G49 C6    N1     sing N N 179 
G49 N1    C2     sing N N 180 
G49 N1    H1     sing N N 181 
G49 C2    N2     sing N N 182 
G49 C2    N3     doub N N 183 
G49 N2    CM2    sing N N 184 
G49 N2    H2     sing N N 185 
G49 CM2   HM21   sing N N 186 
G49 CM2   HM22   sing N N 187 
G49 CM2   HM23   sing N N 188 
G49 N3    C4     sing N N 189 
HOH O     H1     sing N N 190 
HOH O     H2     sing N N 191 
# 
loop_
_ndb_struct_conf_na.entry_id 
_ndb_struct_conf_na.feature 
1QDA 'double helix'        
1QDA 'b-form double helix' 
# 
loop_
_ndb_struct_na_base_pair.model_number 
_ndb_struct_na_base_pair.i_label_asym_id 
_ndb_struct_na_base_pair.i_label_comp_id 
_ndb_struct_na_base_pair.i_label_seq_id 
_ndb_struct_na_base_pair.i_symmetry 
_ndb_struct_na_base_pair.j_label_asym_id 
_ndb_struct_na_base_pair.j_label_comp_id 
_ndb_struct_na_base_pair.j_label_seq_id 
_ndb_struct_na_base_pair.j_symmetry 
_ndb_struct_na_base_pair.shear 
_ndb_struct_na_base_pair.stretch 
_ndb_struct_na_base_pair.stagger 
_ndb_struct_na_base_pair.buckle 
_ndb_struct_na_base_pair.propeller 
_ndb_struct_na_base_pair.opening 
_ndb_struct_na_base_pair.pair_number 
_ndb_struct_na_base_pair.pair_name 
_ndb_struct_na_base_pair.i_auth_asym_id 
_ndb_struct_na_base_pair.i_auth_seq_id 
_ndb_struct_na_base_pair.i_PDB_ins_code 
_ndb_struct_na_base_pair.j_auth_asym_id 
_ndb_struct_na_base_pair.j_auth_seq_id 
_ndb_struct_na_base_pair.j_PDB_ins_code 
_ndb_struct_na_base_pair.hbond_type_28 
_ndb_struct_na_base_pair.hbond_type_12 
1 A DC  1 1_555 A DG  6 8_665 0.272  -0.045 0.136  9.609   -0.009 -0.948 1 A_DC1:DG6_A  A 1 ? A 6 ? 19 1 
1 A DG  2 1_555 A DC  5 8_665 -0.280 -0.079 -0.499 -18.277 4.002  1.666  2 A_DG2:DC5_A  A 2 ? A 5 ? 19 1 
1 A DC  3 1_555 A G49 4 8_665 0.149  0.082  0.189  -9.900  -9.738 0.627  3 A_DC3:G494_A A 3 ? A 4 ? 19 1 
1 A G49 4 1_555 A DC  3 8_665 -0.149 0.082  0.189  9.900   -9.738 0.627  4 A_G494:DC3_A A 4 ? A 3 ? 19 1 
1 A DC  5 1_555 A DG  2 8_665 0.280  -0.079 -0.499 18.277  4.002  1.666  5 A_DC5:DG2_A  A 5 ? A 2 ? 19 1 
1 A DG  6 1_555 A DC  1 8_665 -0.272 -0.045 0.136  -9.609  -0.009 -0.948 6 A_DG6:DC1_A  A 6 ? A 1 ? 19 1 
# 
loop_
_ndb_struct_na_base_pair_step.model_number 
_ndb_struct_na_base_pair_step.i_label_asym_id_1 
_ndb_struct_na_base_pair_step.i_label_comp_id_1 
_ndb_struct_na_base_pair_step.i_label_seq_id_1 
_ndb_struct_na_base_pair_step.i_symmetry_1 
_ndb_struct_na_base_pair_step.j_label_asym_id_1 
_ndb_struct_na_base_pair_step.j_label_comp_id_1 
_ndb_struct_na_base_pair_step.j_label_seq_id_1 
_ndb_struct_na_base_pair_step.j_symmetry_1 
_ndb_struct_na_base_pair_step.i_label_asym_id_2 
_ndb_struct_na_base_pair_step.i_label_comp_id_2 
_ndb_struct_na_base_pair_step.i_label_seq_id_2 
_ndb_struct_na_base_pair_step.i_symmetry_2 
_ndb_struct_na_base_pair_step.j_label_asym_id_2 
_ndb_struct_na_base_pair_step.j_label_comp_id_2 
_ndb_struct_na_base_pair_step.j_label_seq_id_2 
_ndb_struct_na_base_pair_step.j_symmetry_2 
_ndb_struct_na_base_pair_step.shift 
_ndb_struct_na_base_pair_step.slide 
_ndb_struct_na_base_pair_step.rise 
_ndb_struct_na_base_pair_step.tilt 
_ndb_struct_na_base_pair_step.roll 
_ndb_struct_na_base_pair_step.twist 
_ndb_struct_na_base_pair_step.x_displacement 
_ndb_struct_na_base_pair_step.y_displacement 
_ndb_struct_na_base_pair_step.helical_rise 
_ndb_struct_na_base_pair_step.inclination 
_ndb_struct_na_base_pair_step.tip 
_ndb_struct_na_base_pair_step.helical_twist 
_ndb_struct_na_base_pair_step.step_number 
_ndb_struct_na_base_pair_step.step_name 
_ndb_struct_na_base_pair_step.i_auth_asym_id_1 
_ndb_struct_na_base_pair_step.i_auth_seq_id_1 
_ndb_struct_na_base_pair_step.i_PDB_ins_code_1 
_ndb_struct_na_base_pair_step.j_auth_asym_id_1 
_ndb_struct_na_base_pair_step.j_auth_seq_id_1 
_ndb_struct_na_base_pair_step.j_PDB_ins_code_1 
_ndb_struct_na_base_pair_step.i_auth_asym_id_2 
_ndb_struct_na_base_pair_step.i_auth_seq_id_2 
_ndb_struct_na_base_pair_step.i_PDB_ins_code_2 
_ndb_struct_na_base_pair_step.j_auth_asym_id_2 
_ndb_struct_na_base_pair_step.j_auth_seq_id_2 
_ndb_struct_na_base_pair_step.j_PDB_ins_code_2 
1 A DC  1 1_555 A DG  6 8_665 A DG  2 1_555 A DC  5 8_665 1.308  1.202 7.142 4.466  -4.757 31.854 3.968  -0.629 7.008 -8.555 
-8.032 32.499 1 AA_DC1DG2:DC5DG6_AA   A 1 ? A 6 ? A 2 ? A 5 ? 
1 A DG  2 1_555 A DC  5 8_665 A DC  3 1_555 A G49 4 8_665 -1.165 0.241 3.167 -4.465 -2.006 34.027 0.719  1.281  3.270 -3.405 7.581 
34.367 2 AA_DG2DC3:G494DC5_AA  A 2 ? A 5 ? A 3 ? A 4 ? 
1 A DC  3 1_555 A G49 4 8_665 A G49 4 1_555 A DC  3 8_665 0.000  0.225 2.941 0.000  14.868 31.060 -1.756 0.000  2.761 25.982 0.000 
34.356 3 AA_DC3G494:DC3G494_AA A 3 ? A 4 ? A 4 ? A 3 ? 
1 A G49 4 1_555 A DC  3 8_665 A DC  5 1_555 A DG  2 8_665 1.165  0.241 3.167 4.465  -2.006 34.027 0.719  -1.281 3.270 -3.405 
-7.581 34.367 4 AA_G494DC5:DG2DC3_AA  A 4 ? A 3 ? A 5 ? A 2 ? 
1 A DC  5 1_555 A DG  2 8_665 A DG  6 1_555 A DC  1 8_665 -1.308 1.202 7.142 -4.466 -4.757 31.854 3.968  0.629  7.008 -8.555 8.032 
32.499 5 AA_DC5DG6:DC1DG2_AA   A 5 ? A 2 ? A 6 ? A 1 ? 
# 
_atom_sites.entry_id                    1QDA 
_atom_sites.fract_transf_matrix[1][1]   -0.01794715 
_atom_sites.fract_transf_matrix[1][2]   -0.01145159 
_atom_sites.fract_transf_matrix[1][3]   -0.02850160 
_atom_sites.fract_transf_matrix[2][1]   -0.02935060 
_atom_sites.fract_transf_matrix[2][2]   -0.00333942 
_atom_sites.fract_transf_matrix[2][3]   0.01982350 
_atom_sites.fract_transf_matrix[3][1]   -0.00484539 
_atom_sites.fract_transf_matrix[3][2]   0.01793116 
_atom_sites.fract_transf_matrix[3][3]   -0.00415343 
_atom_sites.fract_transf_vector[1]      0.585510 
_atom_sites.fract_transf_vector[2]      0.530183 
_atom_sites.fract_transf_vector[3]      0.209261 
# 
loop_
_atom_type.symbol 
C 
N 
O 
P 
# 
loop_
_atom_site.group_PDB 
_atom_site.id 
_atom_site.type_symbol 
_atom_site.label_atom_id 
_atom_site.label_alt_id 
_atom_site.label_comp_id 
_atom_site.label_asym_id 
_atom_site.label_entity_id 
_atom_site.label_seq_id 
_atom_site.pdbx_PDB_ins_code 
_atom_site.Cartn_x 
_atom_site.Cartn_y 
_atom_site.Cartn_z 
_atom_site.occupancy 
_atom_site.B_iso_or_equiv 
_atom_site.pdbx_formal_charge 
_atom_site.auth_seq_id 
_atom_site.auth_comp_id 
_atom_site.auth_asym_id 
_atom_site.auth_atom_id 
_atom_site.pdbx_PDB_model_num 
ATOM   1   O "O5'" . DC  A 1 1 ? -3.375 12.732  6.061  1.00 22.29 ? 1   DC  A "O5'" 1 
ATOM   2   C "C5'" . DC  A 1 1 ? -4.657 13.336  6.130  1.00 20.43 ? 1   DC  A "C5'" 1 
ATOM   3   C "C4'" . DC  A 1 1 ? -5.401 13.213  4.828  1.00 19.79 ? 1   DC  A "C4'" 1 
ATOM   4   O "O4'" . DC  A 1 1 ? -4.763 14.048  3.830  1.00 19.14 ? 1   DC  A "O4'" 1 
ATOM   5   C "C3'" . DC  A 1 1 ? -5.440 11.793  4.237  1.00 20.43 ? 1   DC  A "C3'" 1 
ATOM   6   O "O3'" . DC  A 1 1 ? -6.714 11.669  3.670  1.00 22.49 ? 1   DC  A "O3'" 1 
ATOM   7   C "C2'" . DC  A 1 1 ? -4.425 11.812  3.106  1.00 18.13 ? 1   DC  A "C2'" 1 
ATOM   8   C "C1'" . DC  A 1 1 ? -4.419 13.272  2.684  1.00 17.02 ? 1   DC  A "C1'" 1 
ATOM   9   N N1    . DC  A 1 1 ? -3.084 13.701  2.266  1.00 15.20 ? 1   DC  A N1    1 
ATOM   10  C C2    . DC  A 1 1 ? -2.804 13.665  0.880  1.00 14.62 ? 1   DC  A C2    1 
ATOM   11  O O2    . DC  A 1 1 ? -3.734 13.363  0.092  1.00 14.10 ? 1   DC  A O2    1 
ATOM   12  N N3    . DC  A 1 1 ? -1.532 13.965  0.476  1.00 14.64 ? 1   DC  A N3    1 
ATOM   13  C C4    . DC  A 1 1 ? -0.590 14.334  1.378  1.00 12.75 ? 1   DC  A C4    1 
ATOM   14  N N4    . DC  A 1 1 ? 0.649  14.624  0.935  1.00 12.44 ? 1   DC  A N4    1 
ATOM   15  C C5    . DC  A 1 1 ? -0.887 14.412  2.790  1.00 12.93 ? 1   DC  A C5    1 
ATOM   16  C C6    . DC  A 1 1 ? -2.123 14.092  3.164  1.00 11.54 ? 1   DC  A C6    1 
ATOM   17  P P     . DG  A 1 2 ? -7.678 10.507  4.156  1.00 22.52 ? 2   DG  A P     1 
ATOM   18  O OP1   . DG  A 1 2 ? -8.938 10.952  3.565  1.00 25.96 ? 2   DG  A OP1   1 
ATOM   19  O OP2   . DG  A 1 2 ? -7.591 10.291  5.580  1.00 24.07 ? 2   DG  A OP2   1 
ATOM   20  O "O5'" . DG  A 1 2 ? -7.073 9.268   3.352  1.00 22.11 ? 2   DG  A "O5'" 1 
ATOM   21  C "C5'" . DG  A 1 2 ? -7.215 9.215   1.944  1.00 18.24 ? 2   DG  A "C5'" 1 
ATOM   22  C "C4'" . DG  A 1 2 ? -6.450 8.039   1.407  1.00 16.95 ? 2   DG  A "C4'" 1 
ATOM   23  O "O4'" . DG  A 1 2 ? -5.047 8.316   1.436  1.00 14.51 ? 2   DG  A "O4'" 1 
ATOM   24  C "C3'" . DG  A 1 2 ? -6.661 6.750   2.217  1.00 18.84 ? 2   DG  A "C3'" 1 
ATOM   25  O "O3'" . DG  A 1 2 ? -6.622 5.640   1.309  1.00 23.93 ? 2   DG  A "O3'" 1 
ATOM   26  C "C2'" . DG  A 1 2 ? -5.407 6.640   3.040  1.00 18.14 ? 2   DG  A "C2'" 1 
ATOM   27  C "C1'" . DG  A 1 2 ? -4.416 7.158   1.991  1.00 16.68 ? 2   DG  A "C1'" 1 
ATOM   28  N N9    . DG  A 1 2 ? -3.071 7.492   2.468  1.00 16.34 ? 2   DG  A N9    1 
ATOM   29  C C8    . DG  A 1 2 ? -2.658 7.843   3.753  1.00 15.78 ? 2   DG  A C8    1 
ATOM   30  N N7    . DG  A 1 2 ? -1.371 8.025   3.851  1.00 15.57 ? 2   DG  A N7    1 
ATOM   31  C C5    . DG  A 1 2 ? -0.900 7.787   2.552  1.00 15.30 ? 2   DG  A C5    1 
ATOM   32  C C6    . DG  A 1 2 ? 0.419  7.854   2.027  1.00 14.44 ? 2   DG  A C6    1 
ATOM   33  O O6    . DG  A 1 2 ? 1.458  8.127   2.595  1.00 15.91 ? 2   DG  A O6    1 
ATOM   34  N N1    . DG  A 1 2 ? 0.435  7.586   0.688  1.00 14.23 ? 2   DG  A N1    1 
ATOM   35  C C2    . DG  A 1 2 ? -0.697 7.338   -0.091 1.00 13.23 ? 2   DG  A C2    1 
ATOM   36  N N2    . DG  A 1 2 ? -0.464 7.247   -1.407 1.00 11.57 ? 2   DG  A N2    1 
ATOM   37  N N3    . DG  A 1 2 ? -1.920 7.244   0.382  1.00 10.96 ? 2   DG  A N3    1 
ATOM   38  C C4    . DG  A 1 2 ? -1.947 7.481   1.691  1.00 14.60 ? 2   DG  A C4    1 
ATOM   39  P P     . DC  A 1 3 ? -7.717 4.461   1.411  1.00 26.92 ? 3   DC  A P     1 
ATOM   40  O OP1   . DC  A 1 3 ? -9.046 5.045   1.220  1.00 25.63 ? 3   DC  A OP1   1 
ATOM   41  O OP2   . DC  A 1 3 ? -7.381 3.636   2.628  1.00 27.24 ? 3   DC  A OP2   1 
ATOM   42  O "O5'" . DC  A 1 3 ? -7.382 3.582   0.126  1.00 25.20 ? 3   DC  A "O5'" 1 
ATOM   43  C "C5'" . DC  A 1 3 ? -7.557 4.138   -1.115 1.00 19.55 ? 3   DC  A "C5'" 1 
ATOM   44  C "C4'" . DC  A 1 3 ? -6.349 3.844   -1.955 1.00 17.58 ? 3   DC  A "C4'" 1 
ATOM   45  O "O4'" . DC  A 1 3 ? -5.242 4.552   -1.383 1.00 16.81 ? 3   DC  A "O4'" 1 
ATOM   46  C "C3'" . DC  A 1 3 ? -5.884 2.396   -2.033 1.00 16.96 ? 3   DC  A "C3'" 1 
ATOM   47  O "O3'" . DC  A 1 3 ? -6.334 1.837   -3.244 1.00 17.06 ? 3   DC  A "O3'" 1 
ATOM   48  C "C2'" . DC  A 1 3 ? -4.381 2.532   -2.175 1.00 16.42 ? 3   DC  A "C2'" 1 
ATOM   49  C "C1'" . DC  A 1 3 ? -4.068 3.969   -1.848 1.00 15.73 ? 3   DC  A "C1'" 1 
ATOM   50  N N1    . DC  A 1 3 ? -3.169 3.937   -0.715 1.00 14.43 ? 3   DC  A N1    1 
ATOM   51  C C2    . DC  A 1 3 ? -1.838 3.960   -0.991 1.00 13.94 ? 3   DC  A C2    1 
ATOM   52  O O2    . DC  A 1 3 ? -1.469 3.932   -2.217 1.00 13.64 ? 3   DC  A O2    1 
ATOM   53  N N3    . DC  A 1 3 ? -0.969 4.015   0.030  1.00 13.70 ? 3   DC  A N3    1 
ATOM   54  C C4    . DC  A 1 3 ? -1.402 4.011   1.289  1.00 14.35 ? 3   DC  A C4    1 
ATOM   55  N N4    . DC  A 1 3 ? -0.478 4.199   2.257  1.00 13.94 ? 3   DC  A N4    1 
ATOM   56  C C5    . DC  A 1 3 ? -2.810 3.865   1.608  1.00 13.76 ? 3   DC  A C5    1 
ATOM   57  C C6    . DC  A 1 3 ? -3.634 3.875   0.570  1.00 13.76 ? 3   DC  A C6    1 
HETATM 58  P P     . G49 A 1 4 ? -6.451 0.274   -3.392 1.00 17.29 ? 4   G49 A P     1 
HETATM 59  O O1P   . G49 A 1 4 ? -7.510 0.110   -4.400 1.00 19.57 ? 4   G49 A O1P   1 
HETATM 60  O O2P   . G49 A 1 4 ? -6.475 -0.423  -2.113 1.00 17.87 ? 4   G49 A O2P   1 
HETATM 61  O "O5'" . G49 A 1 4 ? -5.039 -0.172  -3.944 1.00 16.84 ? 4   G49 A "O5'" 1 
HETATM 62  C "C5'" . G49 A 1 4 ? -4.557 0.335   -5.159 1.00 15.26 ? 4   G49 A "C5'" 1 
HETATM 63  C "C4'" . G49 A 1 4 ? -3.180 -0.228  -5.441 1.00 15.84 ? 4   G49 A "C4'" 1 
HETATM 64  O "O4'" . G49 A 1 4 ? -2.228 0.248   -4.455 1.00 15.87 ? 4   G49 A "O4'" 1 
HETATM 65  C "C3'" . G49 A 1 4 ? -3.074 -1.754  -5.401 1.00 15.20 ? 4   G49 A "C3'" 1 
HETATM 66  O "O3'" . G49 A 1 4 ? -2.164 -2.138  -6.464 1.00 17.60 ? 4   G49 A "O3'" 1 
HETATM 67  C "C2'" . G49 A 1 4 ? -2.593 -2.050  -3.984 1.00 13.23 ? 4   G49 A "C2'" 1 
HETATM 68  C "C1'" . G49 A 1 4 ? -1.711 -0.851  -3.707 1.00 14.10 ? 4   G49 A "C1'" 1 
HETATM 69  N N9    . G49 A 1 4 ? -1.672 -0.395  -2.334 1.00 13.35 ? 4   G49 A N9    1 
HETATM 70  C C8    . G49 A 1 4 ? -2.676 -0.326  -1.405 1.00 13.16 ? 4   G49 A C8    1 
HETATM 71  N N7    . G49 A 1 4 ? -2.270 0.134   -0.249 1.00 12.77 ? 4   G49 A N7    1 
HETATM 72  C C5    . G49 A 1 4 ? -0.915 0.385   -0.459 1.00 13.03 ? 4   G49 A C5    1 
HETATM 73  C C6    . G49 A 1 4 ? 0.099  0.814   0.421  1.00 12.38 ? 4   G49 A C6    1 
HETATM 74  O O6    . G49 A 1 4 ? 0.007  1.078   1.618  1.00 11.72 ? 4   G49 A O6    1 
HETATM 75  N N1    . G49 A 1 4 ? 1.353  0.888   -0.229 1.00 12.49 ? 4   G49 A N1    1 
HETATM 76  C C2    . G49 A 1 4 ? 1.617  0.566   -1.521 1.00 12.84 ? 4   G49 A C2    1 
HETATM 77  N N2    . G49 A 1 4 ? 2.914  0.709   -1.913 1.00 14.60 ? 4   G49 A N2    1 
HETATM 78  C CM2   . G49 A 1 4 ? 3.262  0.215   -3.243 1.00 15.04 ? 4   G49 A CM2   1 
HETATM 79  N N3    . G49 A 1 4 ? 0.694  0.148   -2.348 1.00 13.68 ? 4   G49 A N3    1 
HETATM 80  C C4    . G49 A 1 4 ? -0.550 0.082   -1.750 1.00 13.46 ? 4   G49 A C4    1 
ATOM   81  P P     . DC  A 1 5 ? -1.983 -3.690  -6.849 1.00 18.68 ? 5   DC  A P     1 
ATOM   82  O OP1   . DC  A 1 5 ? -1.456 -3.781  -8.223 1.00 20.78 ? 5   DC  A OP1   1 
ATOM   83  O OP2   . DC  A 1 5 ? -3.184 -4.471  -6.419 1.00 18.75 ? 5   DC  A OP2   1 
ATOM   84  O "O5'" . DC  A 1 5 ? -0.827 -4.192  -5.871 1.00 18.44 ? 5   DC  A "O5'" 1 
ATOM   85  C "C5'" . DC  A 1 5 ? 0.461  -3.664  -6.006 1.00 18.22 ? 5   DC  A "C5'" 1 
ATOM   86  C "C4'" . DC  A 1 5 ? 1.302  -4.112  -4.847 1.00 16.33 ? 5   DC  A "C4'" 1 
ATOM   87  O "O4'" . DC  A 1 5 ? 0.919  -3.355  -3.688 1.00 14.17 ? 5   DC  A "O4'" 1 
ATOM   88  C "C3'" . DC  A 1 5 ? 1.064  -5.587  -4.511 1.00 16.87 ? 5   DC  A "C3'" 1 
ATOM   89  O "O3'" . DC  A 1 5 ? 2.315  -6.209  -4.218 1.00 18.12 ? 5   DC  A "O3'" 1 
ATOM   90  C "C2'" . DC  A 1 5 ? 0.299  -5.515  -3.219 1.00 15.63 ? 5   DC  A "C2'" 1 
ATOM   91  C "C1'" . DC  A 1 5 ? 0.918  -4.276  -2.642 1.00 13.94 ? 5   DC  A "C1'" 1 
ATOM   92  N N1    . DC  A 1 5 ? 0.166  -3.714  -1.557 1.00 13.49 ? 5   DC  A N1    1 
ATOM   93  C C2    . DC  A 1 5 ? 0.844  -3.003  -0.656 1.00 13.17 ? 5   DC  A C2    1 
ATOM   94  O O2    . DC  A 1 5 ? 2.052  -2.797  -0.861 1.00 12.36 ? 5   DC  A O2    1 
ATOM   95  N N3    . DC  A 1 5 ? 0.210  -2.535  0.435  1.00 14.28 ? 5   DC  A N3    1 
ATOM   96  C C4    . DC  A 1 5 ? -1.083 -2.790  0.610  1.00 14.64 ? 5   DC  A C4    1 
ATOM   97  N N4    . DC  A 1 5 ? -1.649 -2.439  1.804  1.00 15.37 ? 5   DC  A N4    1 
ATOM   98  C C5    . DC  A 1 5 ? -1.836 -3.464  -0.374 1.00 15.15 ? 5   DC  A C5    1 
ATOM   99  C C6    . DC  A 1 5 ? -1.178 -3.922  -1.427 1.00 13.67 ? 5   DC  A C6    1 
ATOM   100 P P     . DG  A 1 6 ? 3.013  -7.160  -5.306 1.00 18.64 ? 6   DG  A P     1 
ATOM   101 O OP1   . DG  A 1 6 ? 3.345  -6.411  -6.544 1.00 18.80 ? 6   DG  A OP1   1 
ATOM   102 O OP2   . DG  A 1 6 ? 2.123  -8.304  -5.377 1.00 18.87 ? 6   DG  A OP2   1 
ATOM   103 O "O5'" . DG  A 1 6 ? 4.366  -7.487  -4.568 1.00 17.71 ? 6   DG  A "O5'" 1 
ATOM   104 C "C5'" . DG  A 1 6 ? 5.383  -6.500  -4.443 1.00 17.75 ? 6   DG  A "C5'" 1 
ATOM   105 C "C4'" . DG  A 1 6 ? 6.589  -7.089  -3.738 1.00 17.49 ? 6   DG  A "C4'" 1 
ATOM   106 O "O4'" . DG  A 1 6 ? 6.301  -7.299  -2.329 1.00 16.33 ? 6   DG  A "O4'" 1 
ATOM   107 C "C3'" . DG  A 1 6 ? 7.020  -8.461  -4.271 1.00 16.97 ? 6   DG  A "C3'" 1 
ATOM   108 O "O3'" . DG  A 1 6 ? 8.372  -8.561  -4.027 1.00 17.80 ? 6   DG  A "O3'" 1 
ATOM   109 C "C2'" . DG  A 1 6 ? 6.306  -9.442  -3.359 1.00 15.50 ? 6   DG  A "C2'" 1 
ATOM   110 C "C1'" . DG  A 1 6 ? 6.230  -8.683  -2.051 1.00 15.04 ? 6   DG  A "C1'" 1 
ATOM   111 N N9    . DG  A 1 6 ? 4.993  -8.879  -1.326 1.00 14.26 ? 6   DG  A N9    1 
ATOM   112 C C8    . DG  A 1 6 ? 3.741  -9.256  -1.772 1.00 14.37 ? 6   DG  A C8    1 
ATOM   113 N N7    . DG  A 1 6 ? 2.868  -9.356  -0.820 1.00 14.88 ? 6   DG  A N7    1 
ATOM   114 C C5    . DG  A 1 6 ? 3.594  -8.983  0.322  1.00 14.70 ? 6   DG  A C5    1 
ATOM   115 C C6    . DG  A 1 6 ? 3.184  -8.805  1.669  1.00 13.68 ? 6   DG  A C6    1 
ATOM   116 O O6    . DG  A 1 6 ? 2.039  -8.952  2.150  1.00 14.46 ? 6   DG  A O6    1 
ATOM   117 N N1    . DG  A 1 6 ? 4.251  -8.392  2.481  1.00 13.60 ? 6   DG  A N1    1 
ATOM   118 C C2    . DG  A 1 6 ? 5.544  -8.173  2.077  1.00 13.53 ? 6   DG  A C2    1 
ATOM   119 N N2    . DG  A 1 6 ? 6.387  -7.796  3.007  1.00 13.71 ? 6   DG  A N2    1 
ATOM   120 N N3    . DG  A 1 6 ? 5.939  -8.304  0.835  1.00 13.98 ? 6   DG  A N3    1 
ATOM   121 C C4    . DG  A 1 6 ? 4.904  -8.706  0.010  1.00 14.73 ? 6   DG  A C4    1 
HETATM 122 C C1    . DM6 B 2 . ? -1.273 -5.662  3.938  1.00 16.61 ? 100 DM6 A C1    1 
HETATM 123 C C2    . DM6 B 2 . ? -2.463 -6.113  3.289  1.00 17.69 ? 100 DM6 A C2    1 
HETATM 124 C C3    . DM6 B 2 . ? -2.533 -6.501  2.026  1.00 17.14 ? 100 DM6 A C3    1 
HETATM 125 C C4    . DM6 B 2 . ? -1.381 -6.488  1.210  1.00 15.98 ? 100 DM6 A C4    1 
HETATM 126 C C5    . DM6 B 2 . ? 1.160  -5.954  0.994  1.00 14.15 ? 100 DM6 A C5    1 
HETATM 127 C C6    . DM6 B 2 . ? 3.494  -5.373  0.877  1.00 13.56 ? 100 DM6 A C6    1 
HETATM 128 C C7    . DM6 B 2 . ? 5.934  -4.759  0.639  1.00 14.53 ? 100 DM6 A C7    1 
HETATM 129 C C8    . DM6 B 2 . ? 7.248  -4.558  1.409  1.00 14.33 ? 100 DM6 A C8    1 
HETATM 130 C C9    . DM6 B 2 . ? 7.114  -3.495  2.562  1.00 16.18 ? 100 DM6 A C9    1 
HETATM 131 C C10   . DM6 B 2 . ? 6.039  -3.986  3.582  1.00 14.85 ? 100 DM6 A C10   1 
HETATM 132 C C11   . DM6 B 2 . ? 3.571  -4.607  3.677  1.00 13.30 ? 100 DM6 A C11   1 
HETATM 133 C C12   . DM6 B 2 . ? 1.140  -5.140  3.836  1.00 14.86 ? 100 DM6 A C12   1 
HETATM 134 C C13   . DM6 B 2 . ? 8.524  -3.365  3.251  1.00 18.26 ? 100 DM6 A C13   1 
HETATM 135 C C14   . DM6 B 2 . ? 9.198  -1.965  3.068  1.00 20.01 ? 100 DM6 A C14   1 
HETATM 136 C C15   . DM6 B 2 . ? -0.105 -5.626  3.148  1.00 15.23 ? 100 DM6 A C15   1 
HETATM 137 C C16   . DM6 B 2 . ? -0.116 -6.021  1.800  1.00 15.73 ? 100 DM6 A C16   1 
HETATM 138 C C17   . DM6 B 2 . ? 2.322  -5.467  1.654  1.00 13.47 ? 100 DM6 A C17   1 
HETATM 139 C C18   . DM6 B 2 . ? 2.348  -5.073  3.048  1.00 13.50 ? 100 DM6 A C18   1 
HETATM 140 C C19   . DM6 B 2 . ? 4.763  -4.498  2.885  1.00 14.42 ? 100 DM6 A C19   1 
HETATM 141 C C20   . DM6 B 2 . ? 4.734  -4.859  1.527  1.00 13.69 ? 100 DM6 A C20   1 
HETATM 142 C C21   . DM6 B 2 . ? -2.548 -7.322  -0.778 1.00 17.74 ? 100 DM6 A C21   1 
HETATM 143 O O4    . DM6 B 2 . ? -1.341 -6.855  -0.056 1.00 18.64 ? 100 DM6 A O4    1 
HETATM 144 O O5    . DM6 B 2 . ? 1.214  -6.294  -0.156 1.00 15.68 ? 100 DM6 A O5    1 
HETATM 145 O O6    . DM6 B 2 . ? 3.572  -5.730  -0.457 1.00 13.27 ? 100 DM6 A O6    1 
HETATM 146 O O7    . DM6 B 2 . ? 5.520  -3.648  -0.276 1.00 14.74 ? 100 DM6 A O7    1 
HETATM 147 O O9    . DM6 B 2 . ? 6.682  -2.250  2.075  1.00 15.07 ? 100 DM6 A O9    1 
HETATM 148 O O11   . DM6 B 2 . ? 3.685  -4.256  4.983  1.00 14.76 ? 100 DM6 A O11   1 
HETATM 149 O O12   . DM6 B 2 . ? 1.156  -4.783  5.036  1.00 16.24 ? 100 DM6 A O12   1 
HETATM 150 O O13   . DM6 B 2 . ? 8.723  -4.289  4.000  1.00 20.18 ? 100 DM6 A O13   1 
HETATM 151 O O14   . DM6 B 2 . ? 10.493 -2.005  3.749  1.00 21.82 ? 100 DM6 A O14   1 
HETATM 152 C "C1'" . DM6 B 2 . ? 5.866  -3.879  -1.644 1.00 14.67 ? 100 DM6 A "C1'" 1 
HETATM 153 C "C2'" . DM6 B 2 . ? 4.805  -3.266  -2.499 1.00 15.10 ? 100 DM6 A "C2'" 1 
HETATM 154 C "C3'" . DM6 B 2 . ? 4.806  -1.725  -2.345 1.00 15.44 ? 100 DM6 A "C3'" 1 
HETATM 155 C "C4'" . DM6 B 2 . ? 6.179  -1.185  -2.660 1.00 15.67 ? 100 DM6 A "C4'" 1 
HETATM 156 C "C5'" . DM6 B 2 . ? 7.179  -1.827  -1.705 1.00 15.07 ? 100 DM6 A "C5'" 1 
HETATM 157 C "C6'" . DM6 B 2 . ? 8.638  -1.377  -1.942 1.00 16.84 ? 100 DM6 A "C6'" 1 
HETATM 158 O "O4'" . DM6 B 2 . ? 6.199  0.236   -2.527 1.00 17.73 ? 100 DM6 A "O4'" 1 
HETATM 159 O "O5'" . DM6 B 2 . ? 7.160  -3.272  -1.864 1.00 15.30 ? 100 DM6 A "O5'" 1 
HETATM 160 N "N3'" . DM6 B 2 . ? 3.733  -1.226  -3.265 1.00 15.54 ? 100 DM6 A "N3'" 1 
HETATM 161 O O     . HOH C 3 . ? 0.201  -9.019  -0.956 1.00 17.68 ? 101 HOH A O     1 
HETATM 162 O O     . HOH C 3 . ? -1.610 1.306   4.017  1.00 32.26 ? 102 HOH A O     1 
HETATM 163 O O     . HOH C 3 . ? -3.218 -5.575  -3.897 1.00 20.95 ? 103 HOH A O     1 
HETATM 164 O O     . HOH C 3 . ? -3.908 0.383   1.586  1.00 21.58 ? 104 HOH A O     1 
HETATM 165 O O     . HOH C 3 . ? 1.806  7.603   5.424  1.00 25.74 ? 105 HOH A O     1 
HETATM 166 O O     . HOH C 3 . ? 8.280  -6.245  6.081  1.00 23.41 ? 106 HOH A O     1 
HETATM 167 O O     . HOH C 3 . ? 8.707  -7.671  0.392  1.00 21.50 ? 107 HOH A O     1 
HETATM 168 O O     . HOH C 3 . ? 9.679  -5.142  -1.304 1.00 29.76 ? 108 HOH A O     1 
HETATM 169 O O     . HOH C 3 . ? -0.826 14.561  6.672  1.00 43.99 ? 109 HOH A O     1 
HETATM 170 O O     . HOH C 3 . ? -5.226 -2.719  -1.248 1.00 32.44 ? 110 HOH A O     1 
HETATM 171 O O     . HOH C 3 . ? -0.054 -10.168 1.981  1.00 37.00 ? 111 HOH A O     1 
HETATM 172 O O     . HOH C 3 . ? -1.085 -11.134 -0.715 1.00 44.93 ? 112 HOH A O     1 
HETATM 173 O O     . HOH C 3 . ? -5.540 -4.742  -2.441 1.00 65.40 ? 113 HOH A O     1 
HETATM 174 O O     . HOH C 3 . ? -1.255 -5.661  7.951  1.00 34.50 ? 114 HOH A O     1 
HETATM 175 O O     . HOH C 3 . ? -7.662 0.159   0.911  1.00 33.94 ? 115 HOH A O     1 
HETATM 176 O O     . HOH C 3 . ? -5.269 8.689   6.012  1.00 31.92 ? 116 HOH A O     1 
HETATM 177 O O     . HOH C 3 . ? 9.822  -7.666  -1.832 1.00 54.63 ? 117 HOH A O     1 
HETATM 178 O O     . HOH C 3 . ? -5.626 -4.597  -7.486 1.00 51.48 ? 118 HOH A O     1 
HETATM 179 O O     . HOH C 3 . ? -4.746 -3.849  1.212  1.00 36.22 ? 119 HOH A O     1 
HETATM 180 O O     . HOH C 3 . ? 1.579  -12.043 -2.536 1.00 39.96 ? 120 HOH A O     1 
HETATM 181 O O     . HOH C 3 . ? 0.349  8.571   6.326  1.00 40.73 ? 121 HOH A O     1 
HETATM 182 O O     . HOH C 3 . ? 1.889  -6.541  -9.432 1.00 39.07 ? 122 HOH A O     1 
HETATM 183 O O     . HOH C 3 . ? 4.155  -4.676  -7.352 1.00 44.67 ? 123 HOH A O     1 
HETATM 184 O O     . HOH C 3 . ? 4.383  -1.526  -5.802 1.00 30.55 ? 124 HOH A O     1 
HETATM 185 O O     . HOH C 3 . ? 0.312  -3.109  7.249  1.00 43.47 ? 125 HOH A O     1 
HETATM 186 O O     . HOH C 3 . ? 2.517  15.663  2.723  1.00 31.50 ? 126 HOH A O     1 
HETATM 187 O O     . HOH C 3 . ? 9.482  -7.642  3.122  1.00 30.44 ? 127 HOH A O     1 
HETATM 188 O O     . HOH C 3 . ? -8.360 13.599  2.665  1.00 52.92 ? 128 HOH A O     1 
HETATM 189 O O     . HOH C 3 . ? 11.619 -5.655  3.504  1.00 41.43 ? 129 HOH A O     1 
HETATM 190 O O     . HOH C 3 . ? -8.341 13.561  0.358  1.00 39.00 ? 130 HOH A O     1 
# 
